data_6R3M
#
_entry.id   6R3M
#
_cell.length_a   103.249
_cell.length_b   103.249
_cell.length_c   39.580
_cell.angle_alpha   90.00
_cell.angle_beta   90.00
_cell.angle_gamma   120.00
#
_symmetry.space_group_name_H-M   'H 3'
#
loop_
_entity.id
_entity.type
_entity.pdbx_description
1 polymer 'Endoglucanase H'
2 branched beta-D-glucopyranose-(1-4)-beta-D-glucopyranose-(1-4)-beta-D-glucopyranose-(1-3)-beta-D-glucopyranose
3 non-polymer 'CALCIUM ION'
4 non-polymer 'ACETATE ION'
5 non-polymer 'PHOSPHATE ION'
6 non-polymer alpha-D-glucopyranose
7 water water
#
_entity_poly.entity_id   1
_entity_poly.type   'polypeptide(L)'
_entity_poly.pdbx_seq_one_letter_code
;MASAVGEKMLDDFEGVLNWGSYSGEGAKVSTKIVSGKTGNGMEVSYTGTTDGYWGTVYSLPDGDWSKWLKISFDIKSVDG
SANEIRFMIAEKSINGVGDGEHWVYSITPDSSWKTIEIPFSSFRRRLDYQPPGQDMSGTLDLDNIDSIHFMYANNKSGKF
VVDNIKLIGALEHHHHHH
;
_entity_poly.pdbx_strand_id   A
#
# COMPACT_ATOMS: atom_id res chain seq x y z
N SER A 3 -1.58 -19.58 11.35
CA SER A 3 -1.56 -18.13 11.19
C SER A 3 -1.14 -17.49 12.51
N ALA A 4 -0.51 -16.33 12.41
CA ALA A 4 -0.23 -15.50 13.56
C ALA A 4 -1.51 -14.84 14.08
N VAL A 5 -1.53 -14.57 15.38
CA VAL A 5 -2.57 -13.77 16.01
C VAL A 5 -2.00 -12.39 16.31
N GLY A 6 -2.86 -11.37 16.22
CA GLY A 6 -2.46 -10.04 16.60
C GLY A 6 -2.16 -9.21 15.35
N GLU A 7 -1.15 -8.37 15.48
CA GLU A 7 -0.83 -7.43 14.43
CA GLU A 7 -0.84 -7.41 14.45
C GLU A 7 0.67 -7.29 14.38
N LYS A 8 1.17 -6.82 13.24
CA LYS A 8 2.56 -6.49 13.13
C LYS A 8 2.74 -5.15 12.40
N MET A 9 3.25 -4.15 13.14
CA MET A 9 3.36 -2.81 12.55
C MET A 9 4.41 -2.79 11.47
N LEU A 10 4.04 -2.26 10.29
CA LEU A 10 4.98 -2.06 9.19
C LEU A 10 5.50 -0.62 9.18
N ASP A 11 4.61 0.34 9.37
CA ASP A 11 5.02 1.74 9.42
C ASP A 11 4.00 2.55 10.20
N ASP A 12 4.39 3.04 11.38
CA ASP A 12 3.54 3.94 12.14
C ASP A 12 3.98 5.39 11.89
N PHE A 13 4.97 5.60 11.00
CA PHE A 13 5.41 6.95 10.61
C PHE A 13 6.09 7.74 11.73
N GLU A 14 6.46 7.05 12.82
CA GLU A 14 7.09 7.76 13.93
C GLU A 14 8.61 7.63 13.85
N GLY A 15 9.15 6.89 12.89
CA GLY A 15 10.59 6.62 12.77
C GLY A 15 11.23 6.97 11.42
N VAL A 16 11.90 5.97 10.83
CA VAL A 16 12.66 6.23 9.60
CA VAL A 16 12.64 6.11 9.57
C VAL A 16 11.67 6.53 8.47
N LEU A 17 12.17 7.33 7.51
CA LEU A 17 11.43 7.67 6.31
C LEU A 17 11.66 6.53 5.30
N ASN A 18 10.65 5.69 5.16
CA ASN A 18 10.79 4.47 4.36
C ASN A 18 10.34 4.63 2.91
N TRP A 19 9.71 5.77 2.54
CA TRP A 19 8.92 5.83 1.33
C TRP A 19 9.60 6.62 0.23
N GLY A 20 9.76 5.98 -0.92
CA GLY A 20 10.32 6.63 -2.10
C GLY A 20 9.20 7.00 -3.06
N SER A 21 9.43 8.01 -3.91
CA SER A 21 8.42 8.54 -4.83
C SER A 21 8.86 8.18 -6.24
N TYR A 22 7.91 7.88 -7.10
CA TYR A 22 8.21 7.76 -8.53
C TYR A 22 7.03 8.31 -9.31
N SER A 23 7.31 8.77 -10.54
CA SER A 23 6.23 9.22 -11.42
C SER A 23 6.78 9.33 -12.82
N GLY A 24 5.88 9.54 -13.78
CA GLY A 24 6.33 9.79 -15.13
C GLY A 24 5.20 10.36 -15.96
N GLU A 25 5.59 10.74 -17.18
CA GLU A 25 4.66 11.26 -18.16
C GLU A 25 3.88 12.44 -17.60
N GLY A 26 4.56 13.34 -16.89
CA GLY A 26 3.93 14.58 -16.47
C GLY A 26 3.25 14.48 -15.10
N ALA A 27 2.98 13.25 -14.63
CA ALA A 27 2.37 13.09 -13.32
C ALA A 27 3.42 13.36 -12.24
N LYS A 28 2.95 13.70 -11.04
CA LYS A 28 3.87 14.03 -9.97
C LYS A 28 3.31 13.54 -8.64
N VAL A 29 4.22 13.22 -7.71
CA VAL A 29 3.85 12.95 -6.33
C VAL A 29 4.97 13.48 -5.44
N SER A 30 4.58 13.95 -4.26
CA SER A 30 5.54 14.28 -3.22
C SER A 30 4.95 13.81 -1.90
N THR A 31 5.88 13.50 -0.99
CA THR A 31 5.47 13.01 0.32
C THR A 31 6.20 13.79 1.40
N LYS A 32 5.58 13.80 2.58
CA LYS A 32 6.21 14.45 3.72
C LYS A 32 5.56 13.93 5.01
N ILE A 33 6.28 14.09 6.11
CA ILE A 33 5.72 13.78 7.43
C ILE A 33 4.85 14.95 7.90
N VAL A 34 3.66 14.61 8.41
CA VAL A 34 2.69 15.55 8.98
C VAL A 34 2.05 14.88 10.20
N SER A 35 1.18 15.62 10.92
CA SER A 35 0.32 15.00 11.91
C SER A 35 -0.52 13.87 11.31
N GLY A 36 -0.58 12.77 12.07
CA GLY A 36 -1.22 11.55 11.58
C GLY A 36 -2.49 11.26 12.35
N LYS A 37 -2.81 9.96 12.45
CA LYS A 37 -4.00 9.53 13.16
C LYS A 37 -3.62 9.46 14.64
N THR A 38 -2.50 8.79 14.92
CA THR A 38 -1.82 8.88 16.20
C THR A 38 -0.38 9.30 15.92
N GLY A 39 0.15 10.33 16.63
CA GLY A 39 1.48 10.78 16.30
C GLY A 39 1.53 11.39 14.88
N ASN A 40 2.58 11.04 14.16
CA ASN A 40 2.77 11.52 12.79
C ASN A 40 2.24 10.48 11.78
N GLY A 41 2.08 10.96 10.54
CA GLY A 41 1.61 10.21 9.40
C GLY A 41 2.34 10.74 8.18
N MET A 42 2.05 10.16 7.03
CA MET A 42 2.66 10.62 5.79
C MET A 42 1.58 11.19 4.88
N GLU A 43 1.83 12.44 4.44
CA GLU A 43 0.93 13.10 3.51
CA GLU A 43 0.96 13.15 3.51
C GLU A 43 1.48 12.89 2.11
N VAL A 44 0.58 12.46 1.23
CA VAL A 44 0.87 12.18 -0.15
C VAL A 44 0.11 13.21 -0.98
N SER A 45 0.84 14.01 -1.79
CA SER A 45 0.23 15.02 -2.62
CA SER A 45 0.24 15.03 -2.62
C SER A 45 0.55 14.67 -4.07
N TYR A 46 -0.48 14.49 -4.92
CA TYR A 46 -0.25 14.01 -6.29
C TYR A 46 -1.01 14.83 -7.33
N THR A 47 -0.40 14.89 -8.52
CA THR A 47 -1.01 15.49 -9.71
C THR A 47 -1.01 14.44 -10.79
N GLY A 48 -2.19 13.94 -11.17
CA GLY A 48 -2.26 12.96 -12.24
C GLY A 48 -2.31 13.62 -13.61
N THR A 49 -2.05 12.81 -14.63
CA THR A 49 -2.12 13.26 -16.01
C THR A 49 -2.72 12.11 -16.81
N THR A 50 -3.13 12.39 -18.06
CA THR A 50 -3.80 11.33 -18.83
C THR A 50 -2.97 10.07 -19.13
N ASP A 51 -1.68 10.12 -19.42
CA ASP A 51 -0.98 8.84 -19.62
C ASP A 51 0.09 8.65 -18.55
N GLY A 52 0.04 9.51 -17.52
CA GLY A 52 1.07 9.45 -16.51
C GLY A 52 0.73 8.52 -15.36
N TYR A 53 1.73 8.34 -14.51
CA TYR A 53 1.61 7.46 -13.35
C TYR A 53 2.38 8.11 -12.21
N TRP A 54 1.97 7.74 -11.00
CA TRP A 54 2.69 8.16 -9.80
C TRP A 54 2.50 7.09 -8.70
N GLY A 55 3.49 7.01 -7.82
CA GLY A 55 3.31 6.22 -6.60
C GLY A 55 4.37 6.53 -5.57
N THR A 56 4.07 6.11 -4.34
CA THR A 56 5.05 6.10 -3.27
C THR A 56 5.18 4.67 -2.78
N VAL A 57 6.43 4.28 -2.49
CA VAL A 57 6.73 2.86 -2.28
C VAL A 57 7.64 2.65 -1.08
N TYR A 58 7.31 1.59 -0.36
CA TYR A 58 8.17 1.08 0.71
C TYR A 58 8.62 -0.31 0.30
N SER A 59 9.92 -0.43 0.02
CA SER A 59 10.58 -1.71 -0.27
CA SER A 59 10.54 -1.71 -0.27
C SER A 59 10.84 -2.41 1.05
N LEU A 60 10.17 -3.54 1.29
CA LEU A 60 10.13 -4.15 2.61
C LEU A 60 11.37 -5.00 2.87
N PRO A 61 11.93 -4.95 4.10
CA PRO A 61 13.10 -5.77 4.42
C PRO A 61 12.73 -7.24 4.61
N ASP A 62 11.46 -7.54 4.95
CA ASP A 62 11.05 -8.92 5.20
C ASP A 62 9.88 -9.16 4.26
N GLY A 63 10.01 -10.10 3.34
CA GLY A 63 8.98 -10.35 2.34
C GLY A 63 8.08 -11.55 2.65
N ASP A 64 8.16 -12.14 3.84
CA ASP A 64 7.32 -13.29 4.12
C ASP A 64 6.14 -12.91 4.98
N TRP A 65 4.96 -12.83 4.34
CA TRP A 65 3.72 -12.43 5.00
C TRP A 65 2.80 -13.63 5.19
N SER A 66 3.31 -14.84 4.97
CA SER A 66 2.47 -16.06 4.90
C SER A 66 1.69 -16.33 6.20
N LYS A 67 2.19 -15.86 7.34
CA LYS A 67 1.51 -16.11 8.61
C LYS A 67 0.31 -15.14 8.84
N TRP A 68 0.15 -14.14 7.98
CA TRP A 68 -0.81 -13.08 8.29
C TRP A 68 -2.04 -13.19 7.38
N LEU A 69 -3.07 -12.41 7.68
CA LEU A 69 -4.36 -12.53 7.00
C LEU A 69 -4.79 -11.28 6.22
N LYS A 70 -4.50 -10.11 6.78
CA LYS A 70 -4.93 -8.87 6.15
C LYS A 70 -3.81 -7.82 6.28
N ILE A 71 -3.91 -6.79 5.45
CA ILE A 71 -3.13 -5.59 5.67
C ILE A 71 -4.08 -4.44 5.98
N SER A 72 -3.64 -3.60 6.92
CA SER A 72 -4.50 -2.52 7.39
C SER A 72 -3.73 -1.20 7.31
N PHE A 73 -4.46 -0.11 7.02
CA PHE A 73 -3.86 1.21 7.23
C PHE A 73 -4.98 2.22 7.53
N ASP A 74 -4.59 3.36 8.10
CA ASP A 74 -5.53 4.45 8.33
C ASP A 74 -5.31 5.46 7.20
N ILE A 75 -6.42 6.04 6.73
CA ILE A 75 -6.27 7.00 5.64
C ILE A 75 -7.34 8.08 5.78
N LYS A 76 -7.01 9.27 5.26
CA LYS A 76 -7.91 10.43 5.25
C LYS A 76 -7.48 11.35 4.10
N SER A 77 -8.44 11.92 3.40
CA SER A 77 -8.12 12.98 2.47
CA SER A 77 -8.17 13.00 2.47
C SER A 77 -7.80 14.26 3.25
N VAL A 78 -6.94 15.09 2.67
CA VAL A 78 -6.67 16.40 3.23
C VAL A 78 -7.64 17.36 2.50
N GLY A 80 -9.92 19.33 -0.29
CA GLY A 80 -9.78 18.44 -1.50
C GLY A 80 -10.99 17.62 -2.02
N SER A 81 -11.10 17.47 -3.37
CA SER A 81 -12.11 16.64 -4.03
C SER A 81 -11.79 15.16 -3.83
N ALA A 82 -12.76 14.34 -3.38
CA ALA A 82 -12.50 12.90 -3.21
C ALA A 82 -12.05 12.27 -4.52
N ASN A 83 -11.01 11.43 -4.43
CA ASN A 83 -10.46 10.86 -5.64
C ASN A 83 -9.91 9.48 -5.30
N GLU A 84 -10.22 8.48 -6.13
CA GLU A 84 -9.70 7.13 -5.96
C GLU A 84 -8.18 7.07 -6.17
N ILE A 85 -7.56 6.17 -5.39
CA ILE A 85 -6.17 5.75 -5.55
C ILE A 85 -6.16 4.23 -5.44
N ARG A 86 -4.97 3.64 -5.61
CA ARG A 86 -4.83 2.21 -5.38
C ARG A 86 -3.74 1.93 -4.35
N PHE A 87 -4.00 0.91 -3.51
CA PHE A 87 -2.97 0.33 -2.66
C PHE A 87 -2.49 -0.93 -3.36
N MET A 88 -1.16 -1.07 -3.51
CA MET A 88 -0.62 -2.16 -4.31
CA MET A 88 -0.62 -2.15 -4.33
C MET A 88 0.42 -2.94 -3.52
N ILE A 89 0.34 -4.28 -3.62
CA ILE A 89 1.40 -5.17 -3.14
C ILE A 89 2.09 -5.71 -4.38
N ALA A 90 3.41 -5.62 -4.41
CA ALA A 90 4.20 -6.18 -5.49
C ALA A 90 5.00 -7.34 -4.94
N GLU A 91 4.96 -8.47 -5.65
CA GLU A 91 5.85 -9.60 -5.37
C GLU A 91 7.28 -9.25 -5.78
N LYS A 92 8.21 -10.10 -5.37
CA LYS A 92 9.58 -9.97 -5.83
C LYS A 92 9.66 -10.53 -7.26
N SER A 93 10.63 -9.98 -8.01
CA SER A 93 10.90 -10.36 -9.39
C SER A 93 11.41 -11.81 -9.47
N ILE A 94 11.10 -12.43 -10.60
CA ILE A 94 11.62 -13.79 -10.94
C ILE A 94 13.04 -13.66 -11.57
N ASN A 95 13.50 -12.45 -11.89
CA ASN A 95 14.78 -12.37 -12.64
C ASN A 95 15.83 -11.44 -12.00
N GLY A 96 15.68 -11.18 -10.71
CA GLY A 96 16.75 -10.46 -9.98
C GLY A 96 16.79 -8.96 -10.15
N VAL A 97 15.83 -8.43 -10.87
CA VAL A 97 15.83 -6.96 -11.11
C VAL A 97 14.36 -6.53 -11.23
N GLY A 98 14.12 -5.32 -10.78
CA GLY A 98 12.75 -4.80 -10.82
C GLY A 98 11.86 -5.49 -9.81
N ASP A 99 10.57 -5.41 -10.07
CA ASP A 99 9.62 -6.06 -9.17
C ASP A 99 8.86 -7.17 -9.90
N GLY A 100 8.05 -7.86 -9.12
CA GLY A 100 7.22 -8.94 -9.64
C GLY A 100 5.75 -8.56 -9.62
N GLU A 101 4.91 -9.60 -9.70
CA GLU A 101 3.48 -9.47 -9.94
C GLU A 101 2.83 -8.44 -9.03
N HIS A 102 2.01 -7.56 -9.64
CA HIS A 102 1.30 -6.49 -8.97
C HIS A 102 -0.13 -6.88 -8.63
N TRP A 103 -0.48 -6.59 -7.37
CA TRP A 103 -1.80 -6.92 -6.82
C TRP A 103 -2.36 -5.64 -6.21
N VAL A 104 -3.63 -5.32 -6.51
CA VAL A 104 -4.16 -3.99 -6.19
C VAL A 104 -5.51 -4.04 -5.47
N TYR A 105 -5.80 -2.96 -4.79
CA TYR A 105 -7.12 -2.73 -4.21
C TYR A 105 -7.35 -1.23 -4.25
N SER A 106 -8.57 -0.84 -4.67
CA SER A 106 -8.89 0.56 -4.85
C SER A 106 -9.49 1.11 -3.57
N ILE A 107 -9.08 2.35 -3.24
CA ILE A 107 -9.58 3.03 -2.06
CA ILE A 107 -9.64 3.01 -2.07
C ILE A 107 -9.84 4.50 -2.36
N THR A 108 -10.87 5.09 -1.74
CA THR A 108 -11.10 6.52 -1.92
C THR A 108 -11.03 7.18 -0.55
N PRO A 109 -9.94 7.90 -0.25
CA PRO A 109 -9.80 8.66 1.02
C PRO A 109 -10.97 9.64 1.15
N ASP A 110 -11.49 9.77 2.37
CA ASP A 110 -12.53 10.77 2.57
C ASP A 110 -12.16 11.65 3.76
N SER A 111 -13.10 12.52 4.19
CA SER A 111 -12.72 13.65 5.04
C SER A 111 -12.49 13.27 6.50
N SER A 112 -12.73 12.01 6.88
CA SER A 112 -12.46 11.57 8.23
C SER A 112 -11.54 10.35 8.21
N TRP A 113 -10.75 10.20 9.28
CA TRP A 113 -9.88 9.02 9.41
C TRP A 113 -10.71 7.76 9.32
N LYS A 114 -10.23 6.82 8.49
CA LYS A 114 -10.88 5.53 8.39
C LYS A 114 -9.78 4.48 8.38
N THR A 115 -9.98 3.41 9.13
CA THR A 115 -9.12 2.24 9.07
C THR A 115 -9.66 1.28 8.00
N ILE A 116 -8.78 0.99 7.03
CA ILE A 116 -9.12 0.11 5.93
C ILE A 116 -8.37 -1.20 6.14
N GLU A 117 -9.10 -2.30 6.33
CA GLU A 117 -8.49 -3.62 6.48
C GLU A 117 -8.80 -4.40 5.22
N ILE A 118 -7.74 -4.86 4.53
CA ILE A 118 -7.90 -5.55 3.26
C ILE A 118 -7.39 -6.98 3.40
N PRO A 119 -8.26 -8.01 3.40
CA PRO A 119 -7.77 -9.38 3.38
C PRO A 119 -6.90 -9.56 2.13
N PHE A 120 -5.86 -10.40 2.28
CA PHE A 120 -5.04 -10.67 1.11
C PHE A 120 -5.82 -11.26 -0.05
N SER A 121 -6.84 -12.07 0.27
CA SER A 121 -7.69 -12.68 -0.74
C SER A 121 -8.57 -11.68 -1.48
N SER A 122 -8.67 -10.44 -0.96
CA SER A 122 -9.42 -9.39 -1.65
C SER A 122 -8.60 -8.63 -2.71
N PHE A 123 -7.26 -8.73 -2.65
CA PHE A 123 -6.48 -8.07 -3.70
C PHE A 123 -6.75 -8.70 -5.06
N ARG A 124 -6.75 -7.84 -6.07
CA ARG A 124 -6.99 -8.31 -7.42
C ARG A 124 -5.72 -8.16 -8.27
N ARG A 125 -5.54 -9.09 -9.21
CA ARG A 125 -4.37 -9.03 -10.07
C ARG A 125 -4.47 -7.76 -10.93
N ARG A 126 -3.38 -6.97 -10.99
CA ARG A 126 -3.45 -5.68 -11.68
C ARG A 126 -3.61 -5.87 -13.19
N LEU A 127 -4.60 -5.18 -13.77
CA LEU A 127 -5.02 -5.42 -15.16
C LEU A 127 -4.40 -4.45 -16.16
N ASP A 128 -4.01 -3.26 -15.70
CA ASP A 128 -3.52 -2.26 -16.65
C ASP A 128 -2.02 -2.39 -16.94
N TYR A 129 -1.29 -3.09 -16.06
CA TYR A 129 0.17 -3.17 -16.12
C TYR A 129 0.66 -4.32 -15.28
N GLN A 130 1.65 -5.07 -15.80
CA GLN A 130 2.47 -5.97 -15.00
C GLN A 130 3.91 -5.74 -15.41
N PRO A 131 4.85 -5.81 -14.45
CA PRO A 131 6.27 -5.62 -14.76
C PRO A 131 6.91 -6.81 -15.47
N PRO A 132 8.06 -6.60 -16.14
CA PRO A 132 8.70 -7.72 -16.83
C PRO A 132 9.13 -8.89 -15.94
N GLY A 133 9.32 -8.66 -14.64
CA GLY A 133 9.79 -9.77 -13.77
C GLY A 133 8.69 -10.48 -13.02
N GLN A 134 7.44 -10.27 -13.39
CA GLN A 134 6.28 -10.95 -12.78
C GLN A 134 6.34 -12.45 -13.05
N ASP A 135 5.75 -13.20 -12.13
CA ASP A 135 5.70 -14.69 -12.23
C ASP A 135 4.54 -15.14 -13.10
N MET A 136 3.65 -14.25 -13.49
CA MET A 136 2.44 -14.62 -14.20
C MET A 136 1.69 -15.80 -13.54
N SER A 137 1.72 -15.89 -12.21
CA SER A 137 1.10 -17.03 -11.52
C SER A 137 -0.42 -16.83 -11.37
N GLY A 138 -0.87 -15.57 -11.35
CA GLY A 138 -2.24 -15.20 -11.05
C GLY A 138 -2.66 -15.52 -9.62
N THR A 139 -1.67 -15.70 -8.74
CA THR A 139 -1.93 -15.86 -7.31
C THR A 139 -0.93 -14.98 -6.57
N LEU A 140 -1.41 -14.33 -5.52
CA LEU A 140 -0.55 -13.52 -4.67
C LEU A 140 0.26 -14.44 -3.77
N ASP A 141 1.58 -14.42 -3.94
CA ASP A 141 2.44 -15.35 -3.23
C ASP A 141 2.99 -14.64 -1.99
N LEU A 142 2.35 -14.90 -0.82
CA LEU A 142 2.61 -14.12 0.37
C LEU A 142 4.00 -14.41 0.95
N ASP A 143 4.71 -15.47 0.53
CA ASP A 143 6.08 -15.68 1.00
C ASP A 143 7.12 -14.93 0.19
N ASN A 144 6.68 -14.02 -0.71
CA ASN A 144 7.56 -13.46 -1.72
C ASN A 144 7.21 -12.00 -2.01
N ILE A 145 6.96 -11.23 -0.95
CA ILE A 145 6.55 -9.83 -1.10
C ILE A 145 7.73 -8.90 -1.21
N ASP A 146 7.71 -8.04 -2.23
CA ASP A 146 8.76 -7.04 -2.41
C ASP A 146 8.45 -5.71 -1.70
N SER A 147 7.24 -5.18 -1.88
CA SER A 147 6.97 -3.78 -1.57
C SER A 147 5.49 -3.49 -1.53
N ILE A 148 5.16 -2.37 -0.88
CA ILE A 148 3.81 -1.84 -0.87
C ILE A 148 3.83 -0.42 -1.39
N HIS A 149 2.71 -0.05 -2.05
CA HIS A 149 2.64 1.24 -2.72
C HIS A 149 1.29 1.89 -2.48
N PHE A 150 1.27 3.22 -2.39
CA PHE A 150 0.04 3.98 -2.67
C PHE A 150 0.30 4.66 -4.01
N MET A 151 -0.61 4.43 -4.97
CA MET A 151 -0.32 4.86 -6.33
C MET A 151 -1.62 5.28 -7.05
N TYR A 152 -1.39 5.81 -8.27
CA TYR A 152 -2.47 6.38 -9.07
C TYR A 152 -3.54 5.32 -9.39
N ALA A 153 -4.78 5.84 -9.52
CA ALA A 153 -5.87 5.12 -10.17
C ALA A 153 -6.35 5.82 -11.43
N ASN A 154 -6.06 7.12 -11.57
CA ASN A 154 -6.68 7.93 -12.62
C ASN A 154 -5.80 9.14 -12.92
N ASN A 155 -6.36 10.05 -13.74
CA ASN A 155 -5.65 11.25 -14.19
C ASN A 155 -5.92 12.48 -13.35
N LYS A 156 -6.52 12.34 -12.17
CA LYS A 156 -6.91 13.47 -11.34
C LYS A 156 -5.88 13.74 -10.25
N SER A 157 -6.09 14.78 -9.46
CA SER A 157 -5.14 15.24 -8.46
C SER A 157 -5.78 15.10 -7.07
N GLY A 158 -4.94 15.06 -6.05
CA GLY A 158 -5.46 14.95 -4.68
C GLY A 158 -4.35 14.99 -3.64
N LYS A 159 -4.77 14.84 -2.38
CA LYS A 159 -3.91 14.93 -1.22
CA LYS A 159 -3.89 14.91 -1.22
C LYS A 159 -4.54 14.06 -0.13
N PHE A 160 -3.75 13.15 0.45
CA PHE A 160 -4.26 12.31 1.53
C PHE A 160 -3.12 12.05 2.52
N VAL A 161 -3.50 11.52 3.70
CA VAL A 161 -2.54 11.18 4.75
C VAL A 161 -2.82 9.73 5.16
N VAL A 162 -1.73 8.98 5.37
CA VAL A 162 -1.83 7.61 5.85
C VAL A 162 -1.10 7.44 7.18
N ASP A 163 -1.50 6.40 7.91
CA ASP A 163 -0.86 6.08 9.16
C ASP A 163 -1.06 4.59 9.43
N ASN A 164 -0.24 4.06 10.35
CA ASN A 164 -0.46 2.76 10.97
C ASN A 164 -0.63 1.64 9.95
N ILE A 165 0.33 1.54 9.04
CA ILE A 165 0.33 0.43 8.08
C ILE A 165 0.79 -0.81 8.83
N LYS A 166 -0.08 -1.83 8.87
CA LYS A 166 0.21 -3.02 9.69
C LYS A 166 -0.44 -4.27 9.13
N LEU A 167 0.21 -5.42 9.40
CA LEU A 167 -0.38 -6.71 9.09
C LEU A 167 -1.27 -7.17 10.24
N ILE A 168 -2.37 -7.83 9.85
CA ILE A 168 -3.39 -8.29 10.78
C ILE A 168 -3.42 -9.81 10.67
N GLY A 169 -3.54 -10.46 11.82
CA GLY A 169 -3.64 -11.92 11.82
C GLY A 169 -5.00 -12.33 12.36
N ALA A 170 -5.07 -13.53 12.91
CA ALA A 170 -6.29 -13.99 13.60
C ALA A 170 -6.54 -13.14 14.86
N LEU A 171 -7.80 -13.06 15.21
CA LEU A 171 -8.23 -12.18 16.33
C LEU A 171 -7.66 -12.63 17.69
N GLU A 172 -7.76 -13.89 17.96
CA GLU A 172 -7.28 -14.39 19.24
C GLU A 172 -6.79 -15.82 19.03
N HIS A 173 -6.01 -16.31 19.99
CA HIS A 173 -5.74 -17.76 19.96
C HIS A 173 -6.99 -18.38 20.58
N HIS A 174 -7.61 -19.26 19.84
CA HIS A 174 -8.78 -19.90 20.43
C HIS A 174 -8.46 -21.39 20.58
N HIS A 175 -9.23 -22.06 21.44
CA HIS A 175 -9.11 -23.52 21.57
C HIS A 175 -9.46 -24.16 20.21
N HIS A 176 -8.70 -25.17 19.84
CA HIS A 176 -8.93 -25.88 18.56
C HIS A 176 -9.71 -27.15 18.83
N HIS A 177 -10.72 -27.44 18.00
CA HIS A 177 -11.48 -28.69 18.25
C HIS A 177 -10.60 -29.91 17.92
N HIS A 178 -10.86 -31.06 18.55
CA HIS A 178 -10.03 -32.24 18.20
C HIS A 178 -10.42 -32.78 16.82
#